data_3VP2
#
_entry.id   3VP2
#
_cell.length_a   139.883
_cell.length_b   139.883
_cell.length_c   158.005
_cell.angle_alpha   90.00
_cell.angle_beta   90.00
_cell.angle_gamma   90.00
#
_symmetry.space_group_name_H-M   'I 41 2 2'
#
loop_
_entity.id
_entity.type
_entity.pdbx_description
1 polymer 'Glutaminase kidney isoform, mitochondrial'
2 non-polymer "5,5'-(sulfanediyldiethane-2,1-diyl)bis(1,3,4-thiadiazol-2-amine)"
3 non-polymer 'SULFATE ION'
4 water water
#
_entity_poly.entity_id   1
_entity_poly.type   'polypeptide(L)'
_entity_poly.pdbx_seq_one_letter_code
;SMIPDFMSFTSHIDELYESAKKQSGGKVADYIPQLAKFSPDLWGVSVCTVDGQRHSTGDTKVPFCLQSCVKPLKYAIAVN
DLGTEYVHRYVGKEPSGLRFNKLFLNEDDKPHNPMVNAGAIVVTSLIKQGVNNAEKFDYVMQFLNKMAGNEYVGFSNATF
QSERESGDRNFAIGYYLKEKKCFPEGTDMVGILDFYFQLCSIEVTCESASVMAATLANGGFCPITGERVLSPEAVRNTLS
LMHSCGMYDFSGQFAFHVGLPAKSGVAGGILLVVPNVMGMMCWSPPLDKMGNSVKGIHFCHDLVSLCNFHNYDNL
;
_entity_poly.pdbx_strand_id   A
#
# COMPACT_ATOMS: atom_id res chain seq x y z
N SER A 1 7.67 -5.51 -23.28
CA SER A 1 8.54 -5.82 -22.10
C SER A 1 10.02 -5.46 -22.31
N MET A 2 10.56 -4.69 -21.35
CA MET A 2 11.96 -4.24 -21.36
C MET A 2 12.83 -5.21 -20.60
N ILE A 3 12.28 -6.39 -20.29
CA ILE A 3 13.04 -7.38 -19.56
C ILE A 3 13.21 -8.61 -20.46
N PRO A 4 14.11 -8.51 -21.44
CA PRO A 4 14.38 -9.60 -22.38
C PRO A 4 14.95 -10.83 -21.66
N ASP A 5 16.02 -10.62 -20.89
CA ASP A 5 16.66 -11.71 -20.15
C ASP A 5 16.39 -11.58 -18.65
N PHE A 6 15.40 -12.35 -18.17
CA PHE A 6 15.04 -12.32 -16.76
C PHE A 6 16.23 -12.66 -15.87
N MET A 7 16.99 -13.65 -16.29
CA MET A 7 18.17 -14.07 -15.55
C MET A 7 19.10 -12.90 -15.27
N SER A 8 19.42 -12.12 -16.30
CA SER A 8 20.31 -10.98 -16.16
C SER A 8 19.70 -9.90 -15.29
N PHE A 9 18.40 -9.67 -15.49
CA PHE A 9 17.68 -8.66 -14.72
C PHE A 9 17.79 -8.99 -13.24
N THR A 10 17.55 -10.25 -12.92
CA THR A 10 17.63 -10.74 -11.55
C THR A 10 19.01 -10.47 -10.96
N SER A 11 20.03 -10.62 -11.79
CA SER A 11 21.40 -10.39 -11.34
C SER A 11 21.54 -8.92 -10.95
N HIS A 12 20.87 -8.05 -11.69
CA HIS A 12 20.91 -6.61 -11.40
C HIS A 12 20.12 -6.30 -10.14
N ILE A 13 19.00 -6.99 -9.95
CA ILE A 13 18.17 -6.79 -8.77
C ILE A 13 18.99 -7.07 -7.52
N ASP A 14 19.76 -8.17 -7.55
CA ASP A 14 20.59 -8.54 -6.41
C ASP A 14 21.72 -7.53 -6.17
N GLU A 15 22.19 -6.88 -7.23
CA GLU A 15 23.24 -5.88 -7.09
C GLU A 15 22.69 -4.64 -6.40
N LEU A 16 21.49 -4.23 -6.79
CA LEU A 16 20.83 -3.07 -6.22
C LEU A 16 20.51 -3.37 -4.77
N TYR A 17 20.03 -4.59 -4.54
CA TYR A 17 19.68 -5.05 -3.20
C TYR A 17 20.91 -4.91 -2.29
N GLU A 18 22.04 -5.39 -2.79
CA GLU A 18 23.28 -5.33 -2.03
C GLU A 18 23.74 -3.90 -1.81
N SER A 19 23.53 -3.06 -2.83
CA SER A 19 23.92 -1.66 -2.74
C SER A 19 23.10 -0.94 -1.67
N ALA A 20 21.80 -1.21 -1.64
CA ALA A 20 20.90 -0.62 -0.66
C ALA A 20 21.21 -1.08 0.76
N LYS A 21 21.60 -2.35 0.88
CA LYS A 21 21.92 -2.97 2.16
C LYS A 21 22.88 -2.11 2.98
N LYS A 22 23.74 -1.37 2.30
CA LYS A 22 24.72 -0.51 2.96
C LYS A 22 24.13 0.76 3.57
N GLN A 23 22.86 1.02 3.28
CA GLN A 23 22.18 2.20 3.81
C GLN A 23 21.56 1.85 5.18
N SER A 24 22.30 2.15 6.25
CA SER A 24 21.86 1.81 7.60
C SER A 24 21.07 2.88 8.36
N GLY A 25 20.91 4.06 7.76
CA GLY A 25 20.18 5.11 8.44
C GLY A 25 18.70 4.85 8.67
N GLY A 26 18.03 5.84 9.24
CA GLY A 26 16.61 5.69 9.48
C GLY A 26 16.34 5.14 10.86
N LYS A 27 15.10 5.30 11.32
CA LYS A 27 14.69 4.81 12.63
C LYS A 27 13.47 3.92 12.49
N VAL A 28 13.46 2.80 13.21
CA VAL A 28 12.33 1.88 13.16
C VAL A 28 11.14 2.46 13.92
N ALA A 29 9.98 2.43 13.30
CA ALA A 29 8.78 2.95 13.94
C ALA A 29 8.68 2.33 15.33
N ASP A 30 8.24 3.11 16.31
CA ASP A 30 8.13 2.58 17.66
C ASP A 30 6.98 3.16 18.43
N TYR A 31 5.97 3.70 17.75
CA TYR A 31 4.86 4.25 18.48
C TYR A 31 4.10 3.13 19.21
N ILE A 32 4.27 1.90 18.73
CA ILE A 32 3.67 0.73 19.39
C ILE A 32 4.75 -0.34 19.45
N PRO A 33 4.68 -1.23 20.45
CA PRO A 33 5.68 -2.29 20.59
C PRO A 33 5.78 -3.22 19.39
N GLN A 34 4.63 -3.57 18.80
CA GLN A 34 4.63 -4.48 17.67
C GLN A 34 5.46 -4.00 16.49
N LEU A 35 5.83 -2.72 16.48
CA LEU A 35 6.65 -2.18 15.40
C LEU A 35 8.08 -1.96 15.90
N ALA A 36 8.23 -1.67 17.19
CA ALA A 36 9.54 -1.45 17.79
C ALA A 36 10.35 -2.74 17.76
N LYS A 37 9.65 -3.85 17.95
CA LYS A 37 10.23 -5.19 17.93
C LYS A 37 11.22 -5.42 16.79
N PHE A 38 10.81 -5.05 15.59
CA PHE A 38 11.62 -5.32 14.40
C PHE A 38 13.06 -4.85 14.34
N SER A 39 13.89 -5.74 13.80
CA SER A 39 15.30 -5.49 13.66
C SER A 39 15.55 -4.54 12.50
N PRO A 40 16.37 -3.52 12.72
CA PRO A 40 16.67 -2.57 11.65
C PRO A 40 17.38 -3.22 10.46
N ASP A 41 17.94 -4.40 10.65
CA ASP A 41 18.68 -5.04 9.56
C ASP A 41 17.88 -5.88 8.58
N LEU A 42 16.60 -6.10 8.89
CA LEU A 42 15.77 -6.85 7.98
C LEU A 42 15.66 -6.04 6.69
N TRP A 43 15.85 -6.71 5.56
CA TRP A 43 15.81 -6.06 4.26
C TRP A 43 15.48 -7.11 3.21
N GLY A 44 14.31 -6.95 2.58
CA GLY A 44 13.89 -7.91 1.57
C GLY A 44 13.30 -7.26 0.33
N VAL A 45 13.53 -7.88 -0.83
CA VAL A 45 13.02 -7.40 -2.11
C VAL A 45 12.50 -8.58 -2.91
N SER A 46 11.22 -8.53 -3.28
CA SER A 46 10.62 -9.60 -4.08
C SER A 46 10.02 -9.04 -5.35
N VAL A 47 10.30 -9.72 -6.45
CA VAL A 47 9.80 -9.32 -7.76
C VAL A 47 8.83 -10.36 -8.25
N CYS A 48 7.84 -9.91 -9.03
CA CYS A 48 6.87 -10.80 -9.64
C CYS A 48 6.43 -10.12 -10.93
N THR A 49 6.87 -10.64 -12.06
CA THR A 49 6.54 -10.05 -13.35
C THR A 49 5.11 -10.34 -13.78
N VAL A 50 4.67 -9.62 -14.80
CA VAL A 50 3.33 -9.80 -15.35
C VAL A 50 3.30 -11.17 -16.02
N ASP A 51 4.50 -11.69 -16.26
CA ASP A 51 4.74 -12.99 -16.90
C ASP A 51 4.46 -14.10 -15.89
N GLY A 52 4.70 -13.80 -14.62
CA GLY A 52 4.48 -14.77 -13.56
C GLY A 52 5.83 -15.15 -12.99
N GLN A 53 6.89 -14.67 -13.61
CA GLN A 53 8.24 -14.97 -13.16
C GLN A 53 8.52 -14.33 -11.81
N ARG A 54 9.17 -15.08 -10.93
CA ARG A 54 9.47 -14.59 -9.57
C ARG A 54 10.96 -14.49 -9.26
N HIS A 55 11.26 -13.82 -8.15
CA HIS A 55 12.64 -13.67 -7.68
C HIS A 55 12.66 -12.92 -6.35
N SER A 56 13.35 -13.49 -5.36
CA SER A 56 13.46 -12.85 -4.06
C SER A 56 14.91 -12.77 -3.63
N THR A 57 15.19 -11.90 -2.68
CA THR A 57 16.52 -11.72 -2.13
C THR A 57 16.31 -11.06 -0.79
N GLY A 58 17.03 -11.53 0.23
CA GLY A 58 16.87 -10.96 1.55
C GLY A 58 15.75 -11.61 2.33
N ASP A 59 15.27 -10.92 3.36
CA ASP A 59 14.22 -11.42 4.22
C ASP A 59 12.82 -11.32 3.62
N THR A 60 12.60 -12.03 2.53
CA THR A 60 11.34 -12.00 1.83
C THR A 60 10.24 -12.94 2.34
N LYS A 61 10.50 -13.61 3.46
CA LYS A 61 9.52 -14.52 4.03
C LYS A 61 9.12 -14.21 5.47
N VAL A 62 9.64 -13.10 6.01
CA VAL A 62 9.32 -12.68 7.36
C VAL A 62 8.05 -11.83 7.30
N PRO A 63 6.95 -12.30 7.92
CA PRO A 63 5.69 -11.54 7.89
C PRO A 63 5.79 -10.15 8.51
N PHE A 64 5.04 -9.19 7.96
CA PHE A 64 5.01 -7.82 8.48
C PHE A 64 3.68 -7.20 8.07
N CYS A 65 3.22 -6.21 8.83
CA CYS A 65 1.94 -5.53 8.56
C CYS A 65 1.98 -4.58 7.38
N LEU A 66 0.91 -4.60 6.59
CA LEU A 66 0.78 -3.74 5.42
C LEU A 66 0.70 -2.30 5.87
N GLN A 67 -0.06 -2.08 6.94
CA GLN A 67 -0.26 -0.73 7.47
C GLN A 67 -0.78 0.14 6.33
N SER A 68 -0.14 1.28 6.09
CA SER A 68 -0.60 2.15 5.02
C SER A 68 -0.58 1.50 3.63
N CYS A 69 0.18 0.44 3.46
CA CYS A 69 0.27 -0.22 2.17
C CYS A 69 -1.06 -0.81 1.71
N VAL A 70 -1.99 -1.01 2.65
CA VAL A 70 -3.30 -1.56 2.35
C VAL A 70 -4.25 -0.50 1.76
N LYS A 71 -3.96 0.78 1.97
CA LYS A 71 -4.81 1.85 1.45
C LYS A 71 -5.12 1.72 -0.04
N PRO A 72 -4.08 1.54 -0.88
CA PRO A 72 -4.32 1.40 -2.31
C PRO A 72 -5.25 0.21 -2.58
N LEU A 73 -5.00 -0.89 -1.88
CA LEU A 73 -5.78 -2.12 -2.04
C LEU A 73 -7.26 -1.98 -1.71
N LYS A 74 -7.59 -1.49 -0.51
CA LYS A 74 -9.01 -1.37 -0.19
C LYS A 74 -9.70 -0.33 -1.08
N TYR A 75 -8.93 0.64 -1.57
CA TYR A 75 -9.48 1.65 -2.48
C TYR A 75 -9.80 0.95 -3.79
N ALA A 76 -8.86 0.12 -4.26
CA ALA A 76 -9.06 -0.60 -5.52
C ALA A 76 -10.34 -1.43 -5.39
N ILE A 77 -10.52 -2.07 -4.23
CA ILE A 77 -11.69 -2.89 -3.99
C ILE A 77 -12.96 -2.07 -4.05
N ALA A 78 -12.96 -0.87 -3.49
CA ALA A 78 -14.14 -0.01 -3.50
C ALA A 78 -14.54 0.37 -4.93
N VAL A 79 -13.57 0.80 -5.73
CA VAL A 79 -13.85 1.19 -7.11
C VAL A 79 -14.38 -0.02 -7.89
N ASN A 80 -13.82 -1.19 -7.58
CA ASN A 80 -14.22 -2.44 -8.24
C ASN A 80 -15.69 -2.78 -8.01
N ASP A 81 -16.18 -2.55 -6.80
CA ASP A 81 -17.55 -2.87 -6.49
C ASP A 81 -18.54 -1.71 -6.58
N LEU A 82 -18.04 -0.49 -6.63
CA LEU A 82 -18.93 0.68 -6.66
C LEU A 82 -18.69 1.65 -7.80
N GLY A 83 -17.54 1.52 -8.47
CA GLY A 83 -17.24 2.40 -9.58
C GLY A 83 -16.71 3.76 -9.15
N THR A 84 -15.90 4.37 -10.02
CA THR A 84 -15.30 5.67 -9.79
C THR A 84 -16.24 6.76 -9.26
N GLU A 85 -17.35 6.97 -9.94
CA GLU A 85 -18.31 8.00 -9.59
C GLU A 85 -18.76 7.95 -8.14
N TYR A 86 -19.27 6.79 -7.71
CA TYR A 86 -19.75 6.64 -6.35
C TYR A 86 -18.66 6.84 -5.29
N VAL A 87 -17.56 6.11 -5.41
CA VAL A 87 -16.50 6.24 -4.42
C VAL A 87 -16.03 7.66 -4.25
N HIS A 88 -15.97 8.40 -5.36
CA HIS A 88 -15.49 9.77 -5.27
C HIS A 88 -16.48 10.85 -4.87
N ARG A 89 -17.64 10.43 -4.38
CA ARG A 89 -18.60 11.40 -3.89
C ARG A 89 -18.17 11.60 -2.43
N TYR A 90 -17.33 10.68 -1.95
CA TYR A 90 -16.85 10.71 -0.57
C TYR A 90 -15.37 11.01 -0.36
N VAL A 91 -14.56 10.84 -1.40
CA VAL A 91 -13.12 11.10 -1.26
C VAL A 91 -12.54 11.78 -2.50
N GLY A 92 -11.57 12.66 -2.28
CA GLY A 92 -10.95 13.41 -3.36
C GLY A 92 -10.10 12.62 -4.33
N LYS A 93 -9.38 13.31 -5.22
CA LYS A 93 -8.56 12.65 -6.23
C LYS A 93 -7.18 13.27 -6.41
N GLU A 94 -6.74 14.10 -5.48
CA GLU A 94 -5.42 14.70 -5.62
C GLU A 94 -4.69 14.96 -4.31
N PRO A 95 -3.37 15.23 -4.39
CA PRO A 95 -2.53 15.49 -3.22
C PRO A 95 -2.89 16.84 -2.60
N SER A 96 -2.68 16.98 -1.30
CA SER A 96 -2.99 18.24 -0.65
C SER A 96 -1.71 19.07 -0.57
N GLY A 97 -1.83 20.26 -0.01
CA GLY A 97 -0.68 21.13 0.13
C GLY A 97 0.38 20.56 1.05
N LEU A 98 0.09 20.51 2.36
CA LEU A 98 1.05 19.99 3.33
C LEU A 98 0.39 19.45 4.59
N ASN A 101 -1.40 22.68 10.39
CA ASN A 101 -0.92 21.93 9.22
C ASN A 101 -1.68 20.59 9.10
N LYS A 102 -1.81 20.08 7.87
CA LYS A 102 -2.51 18.83 7.60
C LYS A 102 -3.97 18.79 8.10
N LEU A 103 -4.83 19.49 7.36
CA LEU A 103 -6.26 19.54 7.65
C LEU A 103 -6.85 18.18 7.32
N PHE A 104 -7.97 17.84 7.96
CA PHE A 104 -8.60 16.55 7.70
C PHE A 104 -9.41 16.57 6.40
N LEU A 105 -10.04 17.71 6.09
CA LEU A 105 -10.85 17.81 4.88
C LEU A 105 -10.40 18.90 3.95
N ASN A 106 -10.80 18.79 2.69
CA ASN A 106 -10.45 19.77 1.67
C ASN A 106 -11.56 20.79 1.48
N GLU A 107 -11.39 21.59 0.44
CA GLU A 107 -12.33 22.64 0.06
C GLU A 107 -13.80 22.21 0.03
N ASP A 108 -14.07 20.97 -0.37
CA ASP A 108 -15.45 20.48 -0.46
C ASP A 108 -15.89 19.57 0.68
N ASP A 109 -15.15 19.60 1.79
CA ASP A 109 -15.46 18.78 2.96
C ASP A 109 -15.37 17.29 2.67
N LYS A 110 -14.38 16.92 1.87
CA LYS A 110 -14.12 15.54 1.52
C LYS A 110 -12.62 15.30 1.74
N PRO A 111 -12.24 14.08 2.17
CA PRO A 111 -10.81 13.84 2.38
C PRO A 111 -10.09 14.04 1.05
N HIS A 112 -8.94 14.70 1.08
CA HIS A 112 -8.18 14.96 -0.14
C HIS A 112 -8.05 13.80 -1.11
N ASN A 113 -7.72 12.62 -0.60
CA ASN A 113 -7.56 11.45 -1.47
C ASN A 113 -7.57 10.18 -0.62
N PRO A 114 -7.70 9.01 -1.26
CA PRO A 114 -7.73 7.71 -0.56
C PRO A 114 -6.41 7.32 0.11
N MET A 115 -5.32 8.00 -0.24
CA MET A 115 -4.02 7.68 0.32
C MET A 115 -3.67 8.32 1.68
N VAL A 116 -4.55 9.15 2.23
CA VAL A 116 -4.32 9.76 3.55
C VAL A 116 -5.31 9.12 4.53
N ASN A 117 -4.98 9.13 5.82
CA ASN A 117 -5.84 8.52 6.84
C ASN A 117 -7.33 8.83 6.71
N ALA A 118 -7.70 10.11 6.71
CA ALA A 118 -9.10 10.49 6.58
C ALA A 118 -9.71 9.84 5.35
N GLY A 119 -8.94 9.80 4.26
CA GLY A 119 -9.43 9.20 3.03
C GLY A 119 -9.65 7.71 3.13
N ALA A 120 -8.65 7.02 3.66
CA ALA A 120 -8.70 5.58 3.84
C ALA A 120 -9.84 5.20 4.79
N ILE A 121 -10.11 6.05 5.77
CA ILE A 121 -11.19 5.78 6.72
C ILE A 121 -12.55 5.88 6.03
N VAL A 122 -12.73 6.90 5.18
CA VAL A 122 -13.99 7.06 4.46
C VAL A 122 -14.17 5.92 3.47
N VAL A 123 -13.09 5.56 2.80
CA VAL A 123 -13.14 4.47 1.83
C VAL A 123 -13.54 3.17 2.53
N THR A 124 -12.94 2.93 3.70
CA THR A 124 -13.27 1.74 4.46
C THR A 124 -14.77 1.66 4.72
N SER A 125 -15.41 2.82 4.93
CA SER A 125 -16.85 2.84 5.20
C SER A 125 -17.73 2.56 3.99
N LEU A 126 -17.15 2.45 2.80
CA LEU A 126 -17.93 2.20 1.61
C LEU A 126 -18.00 0.72 1.27
N ILE A 127 -16.92 0.00 1.57
CA ILE A 127 -16.81 -1.42 1.28
C ILE A 127 -17.82 -2.30 2.01
N LYS A 128 -18.48 -3.16 1.24
CA LYS A 128 -19.44 -4.11 1.75
C LYS A 128 -20.38 -3.55 2.83
N GLN A 129 -21.06 -2.47 2.52
CA GLN A 129 -21.98 -1.86 3.48
C GLN A 129 -23.11 -2.82 3.84
N GLY A 130 -23.56 -2.76 5.10
CA GLY A 130 -24.64 -3.65 5.51
C GLY A 130 -24.17 -4.79 6.39
N VAL A 131 -23.41 -5.71 5.81
CA VAL A 131 -22.89 -6.85 6.57
C VAL A 131 -22.11 -6.38 7.80
N ASN A 132 -21.96 -7.28 8.78
CA ASN A 132 -21.23 -6.94 10.00
C ASN A 132 -19.73 -6.86 9.74
N ASN A 133 -19.00 -6.38 10.74
CA ASN A 133 -17.55 -6.25 10.64
C ASN A 133 -16.84 -7.56 10.33
N ALA A 134 -17.16 -8.61 11.08
CA ALA A 134 -16.53 -9.90 10.84
C ALA A 134 -16.63 -10.28 9.36
N GLU A 135 -17.83 -10.13 8.81
CA GLU A 135 -18.06 -10.47 7.41
C GLU A 135 -17.29 -9.56 6.46
N LYS A 136 -17.27 -8.26 6.75
CA LYS A 136 -16.55 -7.29 5.91
C LYS A 136 -15.07 -7.66 5.85
N PHE A 137 -14.52 -8.03 7.00
CA PHE A 137 -13.12 -8.41 7.06
C PHE A 137 -12.84 -9.65 6.22
N ASP A 138 -13.73 -10.64 6.25
CA ASP A 138 -13.52 -11.84 5.44
C ASP A 138 -13.58 -11.49 3.96
N TYR A 139 -14.48 -10.58 3.62
CA TYR A 139 -14.62 -10.14 2.24
C TYR A 139 -13.30 -9.56 1.72
N VAL A 140 -12.69 -8.67 2.50
CA VAL A 140 -11.43 -8.08 2.07
C VAL A 140 -10.31 -9.11 2.08
N MET A 141 -10.30 -10.01 3.06
CA MET A 141 -9.26 -11.04 3.13
C MET A 141 -9.34 -11.94 1.90
N GLN A 142 -10.54 -12.40 1.59
CA GLN A 142 -10.72 -13.25 0.43
C GLN A 142 -10.19 -12.49 -0.80
N PHE A 143 -10.52 -11.21 -0.87
CA PHE A 143 -10.11 -10.36 -1.99
C PHE A 143 -8.59 -10.26 -2.07
N LEU A 144 -7.94 -9.98 -0.94
CA LEU A 144 -6.49 -9.87 -0.91
C LEU A 144 -5.83 -11.18 -1.28
N ASN A 145 -6.52 -12.29 -0.99
CA ASN A 145 -5.99 -13.60 -1.32
C ASN A 145 -5.90 -13.77 -2.84
N LYS A 146 -6.95 -13.36 -3.54
CA LYS A 146 -6.95 -13.48 -4.99
C LYS A 146 -5.85 -12.59 -5.58
N MET A 147 -5.62 -11.43 -5.00
CA MET A 147 -4.59 -10.52 -5.49
C MET A 147 -3.21 -11.10 -5.31
N ALA A 148 -3.03 -11.86 -4.23
CA ALA A 148 -1.74 -12.47 -3.93
C ALA A 148 -1.63 -13.88 -4.51
N GLY A 149 -2.64 -14.29 -5.27
CA GLY A 149 -2.61 -15.63 -5.86
C GLY A 149 -2.53 -16.69 -4.78
N ASN A 150 -3.28 -16.48 -3.70
CA ASN A 150 -3.32 -17.40 -2.57
C ASN A 150 -2.05 -17.53 -1.75
N GLU A 151 -1.13 -16.58 -1.89
CA GLU A 151 0.08 -16.64 -1.09
C GLU A 151 -0.16 -15.96 0.27
N TYR A 152 0.88 -15.93 1.11
CA TYR A 152 0.74 -15.40 2.46
C TYR A 152 -0.02 -14.09 2.68
N VAL A 153 -1.09 -14.20 3.45
CA VAL A 153 -1.90 -13.07 3.84
C VAL A 153 -2.40 -13.40 5.24
N GLY A 154 -1.75 -12.82 6.24
CA GLY A 154 -2.14 -13.08 7.61
C GLY A 154 -2.76 -11.88 8.28
N PHE A 155 -2.81 -11.95 9.61
CA PHE A 155 -3.37 -10.90 10.44
C PHE A 155 -2.53 -10.82 11.70
N SER A 156 -2.49 -9.64 12.31
CA SER A 156 -1.71 -9.48 13.52
C SER A 156 -2.60 -8.89 14.59
N ASN A 157 -3.14 -9.75 15.45
CA ASN A 157 -4.01 -9.28 16.49
C ASN A 157 -3.32 -8.35 17.48
N ALA A 158 -2.02 -8.57 17.72
CA ALA A 158 -1.30 -7.73 18.67
C ALA A 158 -1.18 -6.32 18.11
N THR A 159 -0.96 -6.21 16.80
CA THR A 159 -0.86 -4.92 16.16
C THR A 159 -2.22 -4.26 16.20
N PHE A 160 -3.26 -5.01 15.83
CA PHE A 160 -4.63 -4.49 15.84
C PHE A 160 -5.02 -3.91 17.20
N GLN A 161 -4.76 -4.67 18.27
CA GLN A 161 -5.11 -4.19 19.62
C GLN A 161 -4.31 -2.94 20.01
N SER A 162 -3.05 -2.86 19.58
CA SER A 162 -2.22 -1.70 19.90
C SER A 162 -2.62 -0.45 19.12
N GLU A 163 -3.01 -0.64 17.87
CA GLU A 163 -3.43 0.47 17.01
C GLU A 163 -4.74 1.05 17.52
N ARG A 164 -5.65 0.19 17.96
CA ARG A 164 -6.94 0.65 18.44
C ARG A 164 -6.83 1.41 19.76
N GLU A 165 -6.11 0.84 20.71
CA GLU A 165 -5.95 1.47 22.03
C GLU A 165 -4.89 2.56 22.01
N SER A 166 -4.57 3.06 20.83
CA SER A 166 -3.54 4.08 20.71
C SER A 166 -3.82 5.16 19.66
N GLY A 167 -4.69 4.85 18.71
CA GLY A 167 -4.98 5.81 17.65
C GLY A 167 -5.92 6.95 17.99
N ASP A 168 -5.49 7.85 18.86
CA ASP A 168 -6.35 8.97 19.22
C ASP A 168 -6.55 9.89 18.03
N ARG A 169 -5.52 10.04 17.21
CA ARG A 169 -5.67 10.91 16.05
C ARG A 169 -6.65 10.34 15.04
N ASN A 170 -6.74 9.01 14.92
CA ASN A 170 -7.69 8.42 13.98
C ASN A 170 -9.11 8.57 14.49
N PHE A 171 -9.27 8.60 15.81
CA PHE A 171 -10.59 8.79 16.39
C PHE A 171 -10.97 10.26 16.19
N ALA A 172 -10.00 11.15 16.34
CA ALA A 172 -10.27 12.56 16.14
C ALA A 172 -10.79 12.73 14.73
N ILE A 173 -10.11 12.08 13.78
CA ILE A 173 -10.51 12.15 12.38
C ILE A 173 -11.88 11.52 12.21
N GLY A 174 -12.12 10.41 12.90
CA GLY A 174 -13.39 9.73 12.82
C GLY A 174 -14.54 10.64 13.21
N TYR A 175 -14.42 11.28 14.37
CA TYR A 175 -15.47 12.19 14.82
C TYR A 175 -15.61 13.41 13.92
N TYR A 176 -14.51 13.96 13.45
CA TYR A 176 -14.60 15.12 12.59
C TYR A 176 -15.38 14.80 11.31
N LEU A 177 -15.05 13.67 10.68
CA LEU A 177 -15.74 13.27 9.45
C LEU A 177 -17.22 13.05 9.74
N LYS A 178 -17.53 12.51 10.92
CA LYS A 178 -18.90 12.26 11.29
C LYS A 178 -19.62 13.59 11.50
N GLU A 179 -18.86 14.60 11.89
CA GLU A 179 -19.40 15.93 12.12
C GLU A 179 -19.77 16.57 10.77
N LYS A 180 -18.90 16.37 9.79
CA LYS A 180 -19.09 16.93 8.46
C LYS A 180 -19.90 16.03 7.52
N LYS A 181 -20.58 15.03 8.09
CA LYS A 181 -21.40 14.13 7.27
C LYS A 181 -20.60 13.52 6.11
N CYS A 182 -19.40 13.02 6.39
CA CYS A 182 -18.58 12.45 5.33
C CYS A 182 -18.84 10.96 5.05
N PHE A 183 -19.53 10.30 5.96
CA PHE A 183 -19.83 8.87 5.80
C PHE A 183 -21.20 8.60 5.19
N PRO A 184 -21.37 7.45 4.50
CA PRO A 184 -22.66 7.12 3.90
C PRO A 184 -23.72 7.06 5.01
N GLU A 185 -24.96 7.26 4.64
CA GLU A 185 -26.06 7.24 5.60
C GLU A 185 -26.02 6.04 6.55
N GLY A 186 -26.20 6.30 7.83
CA GLY A 186 -26.23 5.25 8.83
C GLY A 186 -24.98 4.41 8.99
N THR A 187 -23.85 5.08 9.15
CA THR A 187 -22.58 4.39 9.33
C THR A 187 -22.22 4.38 10.81
N ASP A 188 -21.79 3.22 11.29
CA ASP A 188 -21.36 3.10 12.68
C ASP A 188 -19.90 3.55 12.65
N MET A 189 -19.67 4.84 12.83
CA MET A 189 -18.33 5.42 12.77
C MET A 189 -17.29 4.65 13.60
N VAL A 190 -17.56 4.45 14.88
CA VAL A 190 -16.63 3.74 15.75
C VAL A 190 -16.40 2.31 15.23
N GLY A 191 -17.46 1.70 14.69
CA GLY A 191 -17.32 0.37 14.14
C GLY A 191 -16.39 0.40 12.94
N ILE A 192 -16.49 1.46 12.14
CA ILE A 192 -15.64 1.61 10.96
C ILE A 192 -14.18 1.74 11.35
N LEU A 193 -13.87 2.57 12.34
CA LEU A 193 -12.49 2.72 12.77
C LEU A 193 -11.92 1.37 13.19
N ASP A 194 -12.78 0.52 13.73
CA ASP A 194 -12.33 -0.78 14.16
C ASP A 194 -11.96 -1.61 12.94
N PHE A 195 -12.80 -1.58 11.93
CA PHE A 195 -12.54 -2.32 10.69
C PHE A 195 -11.25 -1.76 10.07
N TYR A 196 -11.07 -0.44 10.16
CA TYR A 196 -9.90 0.25 9.64
C TYR A 196 -8.60 -0.22 10.31
N PHE A 197 -8.61 -0.30 11.63
CA PHE A 197 -7.46 -0.75 12.39
C PHE A 197 -7.11 -2.19 12.04
N GLN A 198 -8.13 -3.02 11.84
CA GLN A 198 -7.93 -4.41 11.46
C GLN A 198 -7.22 -4.53 10.13
N LEU A 199 -7.66 -3.75 9.14
CA LEU A 199 -7.07 -3.78 7.81
C LEU A 199 -5.59 -3.39 7.85
N CYS A 200 -5.25 -2.46 8.72
CA CYS A 200 -3.89 -1.99 8.86
C CYS A 200 -3.04 -3.09 9.47
N SER A 201 -3.71 -4.05 10.10
CA SER A 201 -3.03 -5.13 10.77
C SER A 201 -2.83 -6.41 9.95
N ILE A 202 -3.32 -6.41 8.71
CA ILE A 202 -3.17 -7.56 7.84
C ILE A 202 -1.68 -7.77 7.54
N GLU A 203 -1.22 -9.03 7.58
CA GLU A 203 0.20 -9.33 7.35
C GLU A 203 0.48 -9.96 5.99
N VAL A 204 1.65 -9.68 5.46
CA VAL A 204 2.08 -10.22 4.17
C VAL A 204 3.58 -10.43 4.26
N THR A 205 4.17 -10.83 3.15
CA THR A 205 5.61 -11.02 3.08
C THR A 205 5.99 -10.40 1.75
N CYS A 206 7.25 -10.00 1.60
CA CYS A 206 7.69 -9.40 0.36
C CYS A 206 7.21 -10.25 -0.81
N GLU A 207 7.29 -11.56 -0.65
CA GLU A 207 6.87 -12.47 -1.71
C GLU A 207 5.39 -12.40 -2.06
N SER A 208 4.50 -12.54 -1.09
CA SER A 208 3.07 -12.48 -1.38
C SER A 208 2.63 -11.09 -1.82
N ALA A 209 3.22 -10.05 -1.22
CA ALA A 209 2.88 -8.67 -1.57
C ALA A 209 3.25 -8.36 -3.02
N SER A 210 4.45 -8.80 -3.43
CA SER A 210 4.92 -8.56 -4.80
C SER A 210 3.93 -9.13 -5.81
N VAL A 211 3.21 -10.17 -5.40
CA VAL A 211 2.22 -10.76 -6.29
C VAL A 211 1.04 -9.81 -6.39
N MET A 212 0.70 -9.15 -5.28
CA MET A 212 -0.40 -8.20 -5.26
C MET A 212 -0.03 -7.01 -6.15
N ALA A 213 1.21 -6.56 -6.07
CA ALA A 213 1.69 -5.43 -6.85
C ALA A 213 1.67 -5.79 -8.34
N ALA A 214 2.06 -7.02 -8.64
CA ALA A 214 2.09 -7.51 -10.01
C ALA A 214 0.68 -7.55 -10.56
N THR A 215 -0.29 -7.85 -9.70
CA THR A 215 -1.69 -7.90 -10.12
C THR A 215 -2.10 -6.50 -10.62
N LEU A 216 -1.65 -5.47 -9.91
CA LEU A 216 -1.97 -4.11 -10.30
C LEU A 216 -1.15 -3.73 -11.54
N ALA A 217 -0.02 -4.39 -11.73
CA ALA A 217 0.83 -4.12 -12.87
C ALA A 217 0.31 -4.85 -14.11
N ASN A 218 -0.61 -5.78 -13.89
CA ASN A 218 -1.17 -6.58 -14.96
C ASN A 218 -2.64 -6.28 -15.22
N GLY A 219 -3.01 -5.01 -15.12
CA GLY A 219 -4.38 -4.59 -15.37
C GLY A 219 -5.48 -5.31 -14.62
N GLY A 220 -5.18 -5.84 -13.43
CA GLY A 220 -6.20 -6.52 -12.66
C GLY A 220 -6.19 -8.03 -12.72
N PHE A 221 -5.27 -8.62 -13.49
CA PHE A 221 -5.18 -10.07 -13.60
C PHE A 221 -4.01 -10.62 -12.78
N CYS A 222 -4.30 -11.54 -11.85
CA CYS A 222 -3.24 -12.09 -11.04
C CYS A 222 -2.27 -12.93 -11.87
N PRO A 223 -1.02 -12.47 -12.01
CA PRO A 223 0.03 -13.13 -12.79
C PRO A 223 0.22 -14.62 -12.53
N ILE A 224 -0.05 -15.09 -11.33
CA ILE A 224 0.16 -16.51 -11.06
C ILE A 224 -1.08 -17.39 -11.04
N THR A 225 -2.23 -16.86 -11.45
CA THR A 225 -3.47 -17.64 -11.53
C THR A 225 -4.23 -17.27 -12.79
N GLY A 226 -3.90 -16.12 -13.34
CA GLY A 226 -4.53 -15.63 -14.56
C GLY A 226 -5.93 -15.09 -14.41
N GLU A 227 -6.45 -15.10 -13.20
CA GLU A 227 -7.80 -14.62 -12.97
C GLU A 227 -7.96 -13.12 -12.78
N ARG A 228 -9.11 -12.61 -13.21
CA ARG A 228 -9.43 -11.20 -13.10
C ARG A 228 -9.85 -10.91 -11.65
N VAL A 229 -9.07 -10.09 -10.95
CA VAL A 229 -9.35 -9.75 -9.57
C VAL A 229 -9.92 -8.34 -9.43
N LEU A 230 -9.35 -7.39 -10.17
CA LEU A 230 -9.79 -6.01 -10.11
C LEU A 230 -10.17 -5.50 -11.49
N SER A 231 -11.19 -4.66 -11.54
CA SER A 231 -11.65 -4.08 -12.80
C SER A 231 -10.59 -3.15 -13.36
N PRO A 232 -10.52 -3.03 -14.70
CA PRO A 232 -9.54 -2.16 -15.33
C PRO A 232 -9.65 -0.74 -14.76
N GLU A 233 -10.89 -0.29 -14.63
CA GLU A 233 -11.21 1.03 -14.08
C GLU A 233 -10.57 1.18 -12.70
N ALA A 234 -10.80 0.20 -11.84
CA ALA A 234 -10.25 0.21 -10.48
C ALA A 234 -8.73 0.23 -10.45
N VAL A 235 -8.08 -0.50 -11.35
CA VAL A 235 -6.64 -0.53 -11.36
C VAL A 235 -6.02 0.79 -11.82
N ARG A 236 -6.61 1.42 -12.84
CA ARG A 236 -6.10 2.69 -13.35
C ARG A 236 -6.20 3.80 -12.30
N ASN A 237 -7.31 3.82 -11.55
CA ASN A 237 -7.49 4.81 -10.51
C ASN A 237 -6.42 4.61 -9.42
N THR A 238 -6.33 3.38 -8.91
CA THR A 238 -5.36 3.05 -7.86
C THR A 238 -3.95 3.47 -8.28
N LEU A 239 -3.56 3.16 -9.51
CA LEU A 239 -2.23 3.52 -9.97
C LEU A 239 -2.04 5.04 -10.02
N SER A 240 -2.99 5.77 -10.58
CA SER A 240 -2.87 7.23 -10.62
C SER A 240 -2.63 7.83 -9.24
N LEU A 241 -3.48 7.44 -8.28
CA LEU A 241 -3.36 7.94 -6.92
C LEU A 241 -2.08 7.51 -6.19
N MET A 242 -1.58 6.32 -6.49
CA MET A 242 -0.34 5.86 -5.88
C MET A 242 0.78 6.73 -6.44
N HIS A 243 0.64 7.12 -7.70
CA HIS A 243 1.64 7.95 -8.37
C HIS A 243 1.77 9.34 -7.76
N SER A 244 0.65 9.93 -7.37
CA SER A 244 0.66 11.27 -6.81
C SER A 244 0.65 11.39 -5.29
N CYS A 245 0.16 10.39 -4.57
CA CYS A 245 0.13 10.51 -3.12
C CYS A 245 0.40 9.25 -2.34
N GLY A 246 1.29 8.39 -2.84
CA GLY A 246 1.56 7.16 -2.13
C GLY A 246 2.79 7.11 -1.25
N MET A 247 3.57 8.18 -1.25
CA MET A 247 4.79 8.23 -0.47
C MET A 247 4.80 9.36 0.56
N TYR A 248 3.64 9.59 1.17
CA TYR A 248 3.49 10.66 2.17
C TYR A 248 4.06 11.96 1.61
N ASP A 249 4.74 12.73 2.47
CA ASP A 249 5.29 14.01 2.03
C ASP A 249 6.38 13.89 1.00
N PHE A 250 6.73 12.68 0.63
CA PHE A 250 7.78 12.50 -0.36
C PHE A 250 7.19 12.28 -1.76
N SER A 251 5.87 12.13 -1.83
CA SER A 251 5.19 11.89 -3.09
C SER A 251 5.66 12.74 -4.28
N GLY A 252 5.85 14.04 -4.05
CA GLY A 252 6.31 14.92 -5.11
C GLY A 252 7.67 14.50 -5.62
N GLN A 253 8.64 14.47 -4.72
CA GLN A 253 10.01 14.08 -5.05
C GLN A 253 10.01 12.71 -5.71
N PHE A 254 9.22 11.79 -5.16
CA PHE A 254 9.16 10.44 -5.70
C PHE A 254 8.60 10.41 -7.14
N ALA A 255 7.53 11.13 -7.40
CA ALA A 255 6.93 11.16 -8.74
C ALA A 255 7.90 11.80 -9.75
N PHE A 256 8.66 12.77 -9.30
CA PHE A 256 9.59 13.44 -10.18
C PHE A 256 10.87 12.62 -10.45
N HIS A 257 11.43 12.01 -9.41
CA HIS A 257 12.66 11.25 -9.57
C HIS A 257 12.51 9.77 -9.89
N VAL A 258 11.48 9.12 -9.38
CA VAL A 258 11.29 7.71 -9.64
C VAL A 258 10.24 7.46 -10.71
N GLY A 259 9.16 8.24 -10.67
CA GLY A 259 8.11 8.12 -11.67
C GLY A 259 7.37 6.80 -11.70
N LEU A 260 7.22 6.15 -10.56
CA LEU A 260 6.51 4.88 -10.53
C LEU A 260 5.43 4.88 -9.46
N PRO A 261 4.33 4.14 -9.68
CA PRO A 261 3.26 4.08 -8.69
C PRO A 261 3.77 3.28 -7.49
N ALA A 262 3.80 3.90 -6.32
CA ALA A 262 4.28 3.22 -5.13
C ALA A 262 3.41 3.59 -3.93
N LYS A 263 3.57 2.85 -2.85
CA LYS A 263 2.84 3.11 -1.62
C LYS A 263 3.64 2.56 -0.45
N SER A 264 4.02 3.44 0.47
CA SER A 264 4.79 3.02 1.62
C SER A 264 3.91 2.77 2.85
N GLY A 265 4.52 2.15 3.87
CA GLY A 265 3.83 1.82 5.10
C GLY A 265 4.81 2.01 6.24
N VAL A 266 4.28 2.28 7.42
CA VAL A 266 5.11 2.53 8.60
C VAL A 266 5.91 1.29 9.03
N ALA A 267 5.48 0.11 8.57
CA ALA A 267 6.16 -1.16 8.89
C ALA A 267 7.48 -1.23 8.13
N GLY A 268 7.67 -0.29 7.19
CA GLY A 268 8.89 -0.24 6.41
C GLY A 268 8.74 -0.80 5.01
N GLY A 269 7.52 -1.16 4.62
CA GLY A 269 7.35 -1.71 3.28
C GLY A 269 7.02 -0.69 2.21
N ILE A 270 7.34 -1.02 0.96
CA ILE A 270 7.06 -0.16 -0.18
C ILE A 270 6.50 -0.99 -1.35
N LEU A 271 5.20 -0.90 -1.57
CA LEU A 271 4.52 -1.60 -2.66
C LEU A 271 4.85 -0.85 -3.96
N LEU A 272 5.64 -1.46 -4.84
CA LEU A 272 6.04 -0.80 -6.09
C LEU A 272 5.45 -1.48 -7.32
N VAL A 273 5.00 -0.67 -8.27
CA VAL A 273 4.41 -1.20 -9.49
C VAL A 273 5.03 -0.60 -10.75
N VAL A 274 5.49 -1.47 -11.64
CA VAL A 274 6.06 -1.05 -12.91
C VAL A 274 5.05 -1.54 -13.93
N PRO A 275 4.11 -0.66 -14.32
CA PRO A 275 3.04 -0.93 -15.28
C PRO A 275 3.41 -1.86 -16.44
N ASN A 276 2.66 -2.94 -16.59
CA ASN A 276 2.87 -3.92 -17.65
C ASN A 276 4.24 -4.61 -17.60
N VAL A 277 4.92 -4.57 -16.45
CA VAL A 277 6.20 -5.22 -16.34
C VAL A 277 6.28 -6.09 -15.10
N MET A 278 6.12 -5.50 -13.92
CA MET A 278 6.21 -6.29 -12.71
C MET A 278 5.64 -5.60 -11.48
N GLY A 279 5.51 -6.37 -10.42
CA GLY A 279 5.04 -5.89 -9.13
C GLY A 279 6.22 -6.09 -8.19
N MET A 280 6.32 -5.31 -7.14
CA MET A 280 7.44 -5.46 -6.22
C MET A 280 7.13 -5.03 -4.81
N MET A 281 7.86 -5.60 -3.85
CA MET A 281 7.67 -5.22 -2.46
C MET A 281 9.02 -5.19 -1.77
N CYS A 282 9.48 -3.99 -1.41
CA CYS A 282 10.74 -3.82 -0.70
C CYS A 282 10.34 -3.68 0.74
N TRP A 283 11.15 -4.19 1.65
CA TRP A 283 10.82 -4.09 3.06
C TRP A 283 12.05 -3.90 3.92
N SER A 284 12.03 -2.85 4.73
CA SER A 284 13.11 -2.57 5.65
C SER A 284 12.56 -1.58 6.67
N PRO A 285 12.37 -2.03 7.92
CA PRO A 285 11.83 -1.28 9.07
C PRO A 285 12.34 0.15 9.32
N PRO A 286 13.63 0.42 9.07
CA PRO A 286 14.07 1.79 9.33
C PRO A 286 13.47 2.82 8.35
N LEU A 287 12.76 3.80 8.89
CA LEU A 287 12.13 4.85 8.09
C LEU A 287 12.93 6.16 8.20
N ASP A 288 12.75 7.04 7.22
CA ASP A 288 13.39 8.35 7.25
C ASP A 288 12.37 9.33 7.85
N LYS A 289 12.70 10.62 7.88
CA LYS A 289 11.82 11.63 8.45
C LYS A 289 10.43 11.64 7.78
N MET A 290 10.39 11.46 6.47
CA MET A 290 9.15 11.43 5.70
C MET A 290 8.29 10.24 6.09
N GLY A 291 8.94 9.20 6.62
CA GLY A 291 8.21 8.01 7.02
C GLY A 291 8.30 6.85 6.04
N ASN A 292 9.27 6.91 5.12
CA ASN A 292 9.46 5.85 4.13
C ASN A 292 10.70 5.02 4.45
N SER A 293 10.68 3.76 4.02
CA SER A 293 11.80 2.86 4.25
C SER A 293 13.06 3.44 3.60
N VAL A 294 14.09 3.69 4.41
CA VAL A 294 15.36 4.24 3.92
C VAL A 294 15.99 3.36 2.85
N LYS A 295 16.13 2.07 3.11
CA LYS A 295 16.74 1.19 2.11
C LYS A 295 15.82 1.09 0.91
N GLY A 296 14.51 1.12 1.16
CA GLY A 296 13.53 1.04 0.09
C GLY A 296 13.60 2.22 -0.88
N ILE A 297 13.66 3.43 -0.34
CA ILE A 297 13.74 4.61 -1.17
C ILE A 297 15.03 4.55 -2.00
N HIS A 298 16.14 4.20 -1.37
CA HIS A 298 17.41 4.11 -2.07
C HIS A 298 17.29 3.16 -3.25
N PHE A 299 16.78 1.97 -2.95
CA PHE A 299 16.58 0.94 -3.96
C PHE A 299 15.76 1.47 -5.16
N CYS A 300 14.60 2.05 -4.88
CA CYS A 300 13.73 2.58 -5.94
C CYS A 300 14.44 3.57 -6.87
N HIS A 301 15.21 4.50 -6.32
CA HIS A 301 15.94 5.44 -7.16
C HIS A 301 16.93 4.67 -8.05
N ASP A 302 17.63 3.71 -7.47
CA ASP A 302 18.62 2.90 -8.20
C ASP A 302 18.00 2.07 -9.30
N LEU A 303 16.81 1.53 -9.04
CA LEU A 303 16.13 0.71 -10.02
C LEU A 303 15.77 1.50 -11.26
N VAL A 304 15.37 2.75 -11.07
CA VAL A 304 14.96 3.61 -12.17
C VAL A 304 16.12 4.18 -12.97
N SER A 305 17.25 4.37 -12.31
CA SER A 305 18.43 4.89 -12.99
C SER A 305 19.02 3.80 -13.86
N LEU A 306 19.03 2.59 -13.32
CA LEU A 306 19.58 1.43 -14.00
C LEU A 306 18.72 0.86 -15.12
N CYS A 307 17.43 0.72 -14.89
CA CYS A 307 16.56 0.12 -15.90
C CYS A 307 15.64 1.06 -16.67
N ASN A 308 15.78 2.37 -16.48
CA ASN A 308 14.95 3.33 -17.20
C ASN A 308 13.47 2.95 -17.19
N PHE A 309 12.97 2.66 -15.99
CA PHE A 309 11.58 2.28 -15.78
C PHE A 309 10.70 3.51 -15.51
N HIS A 310 11.32 4.68 -15.34
CA HIS A 310 10.58 5.91 -15.07
C HIS A 310 9.47 6.11 -16.07
N ASN A 311 8.30 6.50 -15.56
CA ASN A 311 7.13 6.72 -16.38
C ASN A 311 7.39 7.43 -17.70
N TYR A 312 8.33 8.38 -17.71
CA TYR A 312 8.62 9.13 -18.93
C TYR A 312 10.05 8.95 -19.45
N ASP A 313 10.38 7.71 -19.81
CA ASP A 313 11.69 7.38 -20.37
C ASP A 313 11.50 6.78 -21.77
#